data_3TH8
#
_entry.id   3TH8
#
_cell.length_a   62.603
_cell.length_b   68.862
_cell.length_c   112.297
_cell.angle_alpha   90.000
_cell.angle_beta   90.000
_cell.angle_gamma   90.000
#
_symmetry.space_group_name_H-M   'P 21 21 21'
#
loop_
_entity.id
_entity.type
_entity.pdbx_description
1 polymer 'Undecaprenyl pyrophosphate synthase'
2 non-polymer '(2Z)-4-({3-[3-(hexyloxy)phenyl]propyl}amino)-2-hydroxy-4-oxobut-2-enoic acid'
3 water water
#
_entity_poly.entity_id   1
_entity_poly.type   'polypeptide(L)'
_entity_poly.pdbx_seq_one_letter_code
;MMLSATQPLSEKLPAHGCRHVAIIMDGNGRWAKKQGKIRAFGHKAGAKSVRRAVSFAANNGIEALTLYAFSSENWNRPAQ
EVSALMELFVWALDSEVKSLHRHNVRLRIIGDTSRFNSRLQERIRKSEALTAGNTGLTLNIAANYGGRWDIVQGVRQLAE
KVQQGNLQPDQIDEEMLNQHVCMHELAPVDLVIRTGGEHRISNFLLWQIAYAELYFTDVLWPDFDEQDFEGALNAFANRE
RRFGGTEPGDETA
;
_entity_poly.pdbx_strand_id   B,A
#
# COMPACT_ATOMS: atom_id res chain seq x y z
N PRO A 14 -19.04 6.42 -16.10
CA PRO A 14 -19.70 5.12 -16.24
C PRO A 14 -20.34 4.75 -14.90
N ALA A 15 -21.39 3.93 -14.94
CA ALA A 15 -22.17 3.69 -13.72
C ALA A 15 -21.30 3.21 -12.55
N HIS A 16 -20.36 2.30 -12.85
CA HIS A 16 -19.52 1.68 -11.80
C HIS A 16 -18.55 2.65 -11.12
N GLY A 17 -18.28 3.79 -11.71
CA GLY A 17 -17.50 4.78 -10.96
C GLY A 17 -15.99 4.60 -11.09
N CYS A 18 -15.59 3.58 -11.87
CA CYS A 18 -14.25 3.12 -11.84
C CYS A 18 -13.43 3.58 -13.01
N ARG A 19 -12.47 4.45 -12.76
CA ARG A 19 -11.66 4.93 -13.87
C ARG A 19 -10.39 4.11 -14.11
N HIS A 20 -9.74 3.65 -13.04
CA HIS A 20 -8.37 3.03 -13.11
C HIS A 20 -8.40 1.78 -12.26
N VAL A 21 -8.27 0.62 -12.90
CA VAL A 21 -8.16 -0.62 -12.16
C VAL A 21 -6.72 -1.14 -12.32
N ALA A 22 -6.16 -1.66 -11.23
CA ALA A 22 -4.89 -2.36 -11.19
C ALA A 22 -5.14 -3.79 -10.72
N ILE A 23 -4.44 -4.76 -11.30
CA ILE A 23 -4.64 -6.20 -10.96
C ILE A 23 -3.33 -6.92 -10.66
N ILE A 24 -3.29 -7.64 -9.55
CA ILE A 24 -2.22 -8.54 -9.29
C ILE A 24 -2.65 -9.91 -9.82
N MET A 25 -2.06 -10.35 -10.91
CA MET A 25 -2.55 -11.54 -11.64
C MET A 25 -1.94 -12.85 -11.17
N ASP A 26 -2.29 -13.29 -9.98
CA ASP A 26 -1.68 -14.46 -9.32
C ASP A 26 -2.56 -15.69 -9.41
N GLY A 27 -1.97 -16.88 -9.27
CA GLY A 27 -2.76 -18.12 -9.20
C GLY A 27 -2.57 -19.00 -10.44
N ASN A 28 -1.70 -18.55 -11.33
CA ASN A 28 -1.35 -19.29 -12.58
C ASN A 28 -0.54 -20.58 -12.33
N GLY A 29 0.51 -20.44 -11.54
CA GLY A 29 1.23 -21.61 -11.01
C GLY A 29 0.32 -22.63 -10.34
N ARG A 30 -0.53 -22.15 -9.43
CA ARG A 30 -1.41 -23.04 -8.70
C ARG A 30 -2.47 -23.66 -9.61
N TRP A 31 -2.98 -22.88 -10.57
CA TRP A 31 -3.91 -23.35 -11.58
C TRP A 31 -3.34 -24.55 -12.41
N ALA A 32 -2.09 -24.48 -12.86
CA ALA A 32 -1.42 -25.55 -13.61
C ALA A 32 -1.26 -26.80 -12.73
N LYS A 33 -0.70 -26.63 -11.56
CA LYS A 33 -0.53 -27.73 -10.57
C LYS A 33 -1.82 -28.54 -10.26
N LYS A 34 -2.96 -27.86 -10.07
CA LYS A 34 -4.30 -28.51 -9.91
C LYS A 34 -4.73 -29.39 -11.07
N GLN A 35 -4.33 -28.97 -12.28
CA GLN A 35 -4.57 -29.67 -13.54
C GLN A 35 -3.59 -30.85 -13.73
N GLY A 36 -2.53 -30.89 -12.93
CA GLY A 36 -1.40 -31.79 -13.19
C GLY A 36 -0.58 -31.37 -14.41
N LYS A 37 -0.44 -30.07 -14.66
CA LYS A 37 0.27 -29.60 -15.81
C LYS A 37 1.50 -28.80 -15.38
N ILE A 38 2.53 -28.77 -16.25
CA ILE A 38 3.65 -27.89 -16.03
C ILE A 38 3.25 -26.41 -16.09
N ARG A 39 4.12 -25.57 -15.53
CA ARG A 39 3.91 -24.15 -15.45
C ARG A 39 3.54 -23.46 -16.75
N ALA A 40 4.17 -23.91 -17.84
CA ALA A 40 3.95 -23.36 -19.18
C ALA A 40 2.50 -23.30 -19.54
N PHE A 41 1.73 -24.28 -19.11
CA PHE A 41 0.32 -24.27 -19.36
C PHE A 41 -0.42 -23.23 -18.52
N GLY A 42 0.03 -22.99 -17.29
CA GLY A 42 -0.52 -21.88 -16.55
C GLY A 42 -0.30 -20.52 -17.19
N HIS A 43 0.92 -20.28 -17.68
CA HIS A 43 1.28 -19.08 -18.46
C HIS A 43 0.41 -18.90 -19.71
N LYS A 44 0.19 -19.97 -20.51
CA LYS A 44 -0.77 -19.88 -21.62
C LYS A 44 -2.20 -19.52 -21.19
N ALA A 45 -2.79 -20.32 -20.29
CA ALA A 45 -4.09 -20.02 -19.71
C ALA A 45 -4.13 -18.54 -19.11
N GLY A 46 -3.09 -18.14 -18.39
CA GLY A 46 -2.95 -16.78 -17.84
C GLY A 46 -2.90 -15.69 -18.92
N ALA A 47 -2.19 -15.96 -20.00
CA ALA A 47 -2.15 -15.04 -21.12
C ALA A 47 -3.53 -14.87 -21.77
N LYS A 48 -4.30 -15.96 -21.95
CA LYS A 48 -5.67 -15.85 -22.45
C LYS A 48 -6.52 -14.95 -21.55
N SER A 49 -6.38 -15.15 -20.25
CA SER A 49 -7.19 -14.42 -19.28
C SER A 49 -6.74 -12.92 -19.27
N VAL A 50 -5.46 -12.64 -19.47
CA VAL A 50 -5.04 -11.26 -19.77
C VAL A 50 -5.85 -10.70 -20.95
N ARG A 51 -5.97 -11.45 -22.04
CA ARG A 51 -6.65 -10.87 -23.22
C ARG A 51 -8.11 -10.64 -22.96
N ARG A 52 -8.72 -11.52 -22.18
CA ARG A 52 -10.10 -11.37 -21.81
C ARG A 52 -10.33 -10.13 -20.87
N ALA A 53 -9.45 -9.92 -19.89
CA ALA A 53 -9.57 -8.78 -18.98
C ALA A 53 -9.33 -7.42 -19.71
N VAL A 54 -8.37 -7.39 -20.61
CA VAL A 54 -8.13 -6.19 -21.45
C VAL A 54 -9.36 -5.78 -22.30
N SER A 55 -9.98 -6.75 -23.00
CA SER A 55 -11.18 -6.53 -23.84
C SER A 55 -12.30 -6.09 -23.02
N PHE A 56 -12.48 -6.77 -21.90
CA PHE A 56 -13.53 -6.35 -21.03
C PHE A 56 -13.30 -4.93 -20.52
N ALA A 57 -12.08 -4.60 -20.05
CA ALA A 57 -11.84 -3.21 -19.60
C ALA A 57 -12.14 -2.23 -20.71
N ALA A 58 -11.68 -2.55 -21.91
CA ALA A 58 -11.86 -1.64 -23.06
C ALA A 58 -13.33 -1.40 -23.39
N ASN A 59 -14.20 -2.39 -23.20
CA ASN A 59 -15.65 -2.26 -23.54
C ASN A 59 -16.55 -1.79 -22.42
N ASN A 60 -16.00 -1.57 -21.24
CA ASN A 60 -16.81 -1.17 -20.12
C ASN A 60 -16.39 0.21 -19.57
N GLY A 61 -15.78 0.98 -20.45
CA GLY A 61 -15.45 2.38 -20.15
C GLY A 61 -14.34 2.70 -19.15
N ILE A 62 -13.42 1.76 -18.92
CA ILE A 62 -12.32 2.01 -17.95
C ILE A 62 -11.25 2.86 -18.64
N GLU A 63 -10.66 3.84 -17.96
CA GLU A 63 -9.69 4.68 -18.68
C GLU A 63 -8.35 3.97 -18.70
N ALA A 64 -8.03 3.30 -17.58
CA ALA A 64 -6.70 2.76 -17.32
C ALA A 64 -6.73 1.37 -16.60
N LEU A 65 -5.85 0.46 -17.07
CA LEU A 65 -5.80 -0.89 -16.54
C LEU A 65 -4.33 -1.14 -16.35
N THR A 66 -3.92 -1.39 -15.10
CA THR A 66 -2.55 -1.62 -14.82
C THR A 66 -2.32 -3.03 -14.29
N LEU A 67 -1.44 -3.79 -14.95
CA LEU A 67 -1.29 -5.21 -14.67
C LEU A 67 0.05 -5.50 -14.06
N TYR A 68 0.03 -6.28 -12.97
CA TYR A 68 1.23 -6.80 -12.35
C TYR A 68 1.34 -8.30 -12.58
N ALA A 69 2.30 -8.70 -13.40
CA ALA A 69 2.44 -10.10 -13.83
C ALA A 69 3.42 -10.79 -12.89
N PHE A 70 3.01 -11.91 -12.33
CA PHE A 70 3.39 -12.12 -10.88
C PHE A 70 4.22 -13.39 -10.45
N MET A 86 14.98 -16.81 -19.91
CA MET A 86 14.73 -15.91 -18.81
C MET A 86 13.38 -15.19 -18.95
N GLU A 87 13.36 -13.93 -18.58
CA GLU A 87 12.19 -13.05 -18.67
C GLU A 87 11.50 -13.07 -20.01
N LEU A 88 12.29 -13.25 -21.07
CA LEU A 88 11.90 -13.29 -22.50
C LEU A 88 10.52 -13.87 -22.84
N PHE A 89 9.84 -14.44 -21.83
CA PHE A 89 8.40 -14.66 -21.91
C PHE A 89 7.74 -13.31 -22.18
N VAL A 90 8.38 -12.25 -21.64
CA VAL A 90 7.95 -10.86 -21.81
C VAL A 90 7.91 -10.42 -23.29
N TRP A 91 8.81 -10.94 -24.14
CA TRP A 91 8.53 -11.00 -25.60
C TRP A 91 7.20 -11.74 -25.87
N ALA A 92 6.15 -11.25 -25.19
CA ALA A 92 4.76 -11.60 -25.36
C ALA A 92 4.12 -10.28 -25.82
N LEU A 93 4.97 -9.27 -25.97
CA LEU A 93 4.59 -8.03 -26.60
C LEU A 93 4.31 -8.34 -28.05
N ASP A 94 5.25 -9.02 -28.68
CA ASP A 94 5.12 -9.20 -30.11
C ASP A 94 3.99 -10.15 -30.51
N SER A 95 3.47 -10.88 -29.53
CA SER A 95 2.24 -11.64 -29.67
C SER A 95 1.02 -10.75 -29.62
N GLU A 96 1.09 -9.71 -28.81
CA GLU A 96 -0.12 -8.99 -28.47
C GLU A 96 -0.18 -7.57 -29.02
N VAL A 97 0.96 -6.96 -29.29
CA VAL A 97 0.99 -5.53 -29.62
C VAL A 97 0.11 -5.19 -30.84
N LYS A 98 0.24 -5.94 -31.94
CA LYS A 98 -0.65 -5.74 -33.12
C LYS A 98 -2.14 -5.79 -32.74
N SER A 99 -2.49 -6.79 -31.95
CA SER A 99 -3.84 -6.91 -31.45
C SER A 99 -4.36 -5.75 -30.59
N LEU A 100 -3.60 -5.35 -29.57
CA LEU A 100 -3.90 -4.17 -28.75
C LEU A 100 -4.19 -2.96 -29.65
N HIS A 101 -3.30 -2.75 -30.62
CA HIS A 101 -3.35 -1.56 -31.48
C HIS A 101 -4.62 -1.59 -32.27
N ARG A 102 -5.01 -2.78 -32.70
CA ARG A 102 -6.24 -2.94 -33.39
C ARG A 102 -7.47 -2.81 -32.49
N HIS A 103 -7.30 -2.94 -31.17
CA HIS A 103 -8.40 -2.62 -30.22
C HIS A 103 -8.35 -1.17 -29.69
N ASN A 104 -7.50 -0.35 -30.31
CA ASN A 104 -7.35 1.07 -29.94
C ASN A 104 -6.77 1.29 -28.54
N VAL A 105 -5.91 0.37 -28.11
CA VAL A 105 -5.42 0.39 -26.76
C VAL A 105 -4.05 1.03 -26.83
N ARG A 106 -3.80 1.93 -25.92
CA ARG A 106 -2.52 2.56 -25.76
C ARG A 106 -1.71 1.81 -24.73
N LEU A 107 -0.53 1.36 -25.15
CA LEU A 107 0.32 0.51 -24.32
C LEU A 107 1.43 1.30 -23.67
N ARG A 108 1.76 1.00 -22.41
CA ARG A 108 2.90 1.62 -21.72
C ARG A 108 3.52 0.63 -20.73
N ILE A 109 4.85 0.58 -20.67
CA ILE A 109 5.54 -0.30 -19.77
C ILE A 109 6.01 0.57 -18.62
N ILE A 110 5.76 0.16 -17.36
CA ILE A 110 6.30 0.85 -16.19
C ILE A 110 7.24 -0.08 -15.46
N GLY A 111 8.29 0.46 -14.87
CA GLY A 111 9.29 -0.35 -14.22
C GLY A 111 10.67 0.05 -14.71
N ASP A 112 11.69 -0.56 -14.12
CA ASP A 112 13.07 -0.24 -14.44
C ASP A 112 13.44 -0.95 -15.74
N THR A 113 13.36 -0.24 -16.86
CA THR A 113 13.68 -0.86 -18.14
C THR A 113 15.15 -0.72 -18.53
N SER A 114 15.93 0.00 -17.73
CA SER A 114 17.28 0.37 -18.15
C SER A 114 18.22 -0.81 -18.26
N ARG A 115 18.07 -1.84 -17.40
CA ARG A 115 18.94 -3.05 -17.47
C ARG A 115 18.55 -4.09 -18.53
N PHE A 116 17.53 -3.79 -19.32
CA PHE A 116 17.13 -4.66 -20.41
C PHE A 116 18.08 -4.53 -21.62
N ASN A 117 18.22 -5.63 -22.37
CA ASN A 117 19.18 -5.72 -23.49
C ASN A 117 18.75 -5.03 -24.79
N SER A 118 19.25 -3.81 -24.96
CA SER A 118 19.18 -2.97 -26.20
C SER A 118 18.13 -3.24 -27.29
N ARG A 119 18.00 -4.49 -27.74
CA ARG A 119 16.96 -4.83 -28.73
C ARG A 119 15.58 -5.02 -28.10
N LEU A 120 15.55 -5.50 -26.85
CA LEU A 120 14.31 -5.60 -26.07
C LEU A 120 13.79 -4.19 -25.74
N GLN A 121 14.72 -3.32 -25.35
CA GLN A 121 14.45 -1.90 -25.13
C GLN A 121 13.85 -1.20 -26.35
N GLU A 122 14.23 -1.65 -27.54
CA GLU A 122 13.74 -0.99 -28.75
C GLU A 122 12.37 -1.56 -29.13
N ARG A 123 12.16 -2.83 -28.87
CA ARG A 123 10.85 -3.46 -29.14
C ARG A 123 9.77 -2.90 -28.19
N ILE A 124 10.14 -2.60 -26.96
CA ILE A 124 9.31 -1.83 -26.04
C ILE A 124 9.00 -0.40 -26.55
N ARG A 125 10.06 0.34 -26.86
CA ARG A 125 9.92 1.73 -27.31
C ARG A 125 9.06 1.79 -28.56
N LYS A 126 9.22 0.84 -29.46
CA LYS A 126 8.46 0.86 -30.71
C LYS A 126 6.99 0.48 -30.52
N SER A 127 6.79 -0.62 -29.78
CA SER A 127 5.48 -0.96 -29.23
C SER A 127 4.77 0.23 -28.58
N GLU A 128 5.47 0.95 -27.71
CA GLU A 128 4.84 2.13 -27.10
C GLU A 128 4.55 3.19 -28.16
N ALA A 129 5.56 3.48 -28.99
CA ALA A 129 5.42 4.49 -30.07
C ALA A 129 4.26 4.16 -31.01
N LEU A 130 4.16 2.90 -31.41
CA LEU A 130 3.07 2.48 -32.30
C LEU A 130 1.64 2.80 -31.78
N THR A 131 1.45 2.72 -30.47
CA THR A 131 0.09 2.78 -29.94
C THR A 131 -0.20 4.06 -29.21
N ALA A 132 0.78 4.96 -29.13
CA ALA A 132 0.62 6.26 -28.36
C ALA A 132 -0.52 7.19 -28.77
N GLY A 133 -0.90 7.13 -30.04
CA GLY A 133 -2.03 7.92 -30.55
C GLY A 133 -3.40 7.28 -30.37
N ASN A 134 -3.43 6.07 -29.81
CA ASN A 134 -4.71 5.40 -29.53
C ASN A 134 -5.46 6.03 -28.37
N THR A 135 -6.79 6.06 -28.53
CA THR A 135 -7.69 6.77 -27.62
C THR A 135 -8.61 5.86 -26.74
N GLY A 136 -8.48 4.53 -26.85
CA GLY A 136 -9.25 3.71 -25.93
C GLY A 136 -8.49 3.54 -24.61
N LEU A 137 -8.62 2.36 -24.04
CA LEU A 137 -8.07 2.04 -22.73
C LEU A 137 -6.59 2.33 -22.72
N THR A 138 -6.07 2.93 -21.65
CA THR A 138 -4.61 2.96 -21.47
C THR A 138 -4.18 1.73 -20.63
N LEU A 139 -3.33 0.91 -21.21
CA LEU A 139 -2.91 -0.33 -20.58
C LEU A 139 -1.47 -0.27 -20.09
N ASN A 140 -1.29 -0.28 -18.79
CA ASN A 140 0.03 -0.30 -18.19
C ASN A 140 0.51 -1.69 -17.75
N ILE A 141 1.68 -2.06 -18.26
CA ILE A 141 2.31 -3.35 -17.96
C ILE A 141 3.52 -3.13 -17.05
N ALA A 142 3.45 -3.68 -15.82
CA ALA A 142 4.56 -3.68 -14.90
C ALA A 142 5.62 -4.69 -15.33
N ALA A 143 6.82 -4.22 -15.56
CA ALA A 143 7.90 -5.11 -15.94
C ALA A 143 9.08 -4.71 -15.11
N ASN A 144 9.55 -5.59 -14.21
CA ASN A 144 10.62 -5.21 -13.28
C ASN A 144 10.23 -3.92 -12.55
N TYR A 145 8.99 -3.96 -12.06
CA TYR A 145 8.34 -2.88 -11.32
C TYR A 145 8.32 -3.23 -9.84
N GLY A 146 8.58 -2.24 -8.97
CA GLY A 146 8.23 -2.38 -7.57
C GLY A 146 7.77 -1.03 -7.02
N GLY A 147 6.87 -1.05 -6.04
CA GLY A 147 6.27 0.19 -5.57
C GLY A 147 7.31 1.09 -4.89
N ARG A 148 8.21 0.47 -4.13
CA ARG A 148 9.33 1.16 -3.47
C ARG A 148 10.32 1.84 -4.46
N TRP A 149 10.80 1.07 -5.43
CA TRP A 149 11.62 1.53 -6.54
C TRP A 149 10.98 2.71 -7.26
N ASP A 150 9.64 2.62 -7.51
CA ASP A 150 8.87 3.68 -8.14
C ASP A 150 9.05 4.99 -7.31
N ILE A 151 8.84 4.87 -6.00
CA ILE A 151 8.95 6.02 -5.16
C ILE A 151 10.39 6.54 -5.19
N VAL A 152 11.33 5.62 -5.08
CA VAL A 152 12.74 5.92 -5.12
C VAL A 152 13.18 6.58 -6.41
N GLN A 153 12.63 6.24 -7.57
CA GLN A 153 13.11 6.94 -8.79
C GLN A 153 12.55 8.37 -8.84
N GLY A 154 11.36 8.59 -8.28
CA GLY A 154 10.78 9.94 -8.23
C GLY A 154 11.62 10.86 -7.33
N VAL A 155 12.10 10.30 -6.23
CA VAL A 155 12.98 10.98 -5.31
C VAL A 155 14.33 11.29 -5.94
N ARG A 156 14.85 10.37 -6.75
CA ARG A 156 16.06 10.69 -7.55
C ARG A 156 15.85 11.92 -8.42
N GLN A 157 14.81 11.92 -9.22
CA GLN A 157 14.51 13.04 -10.09
C GLN A 157 14.46 14.33 -9.27
N LEU A 158 13.81 14.27 -8.10
CA LEU A 158 13.74 15.46 -7.25
C LEU A 158 15.12 15.85 -6.70
N ALA A 159 15.93 14.85 -6.40
CA ALA A 159 17.22 15.14 -5.87
C ALA A 159 18.06 15.79 -6.95
N GLU A 160 17.83 15.42 -8.22
CA GLU A 160 18.59 16.06 -9.30
C GLU A 160 18.26 17.54 -9.36
N LYS A 161 16.97 17.86 -9.29
CA LYS A 161 16.52 19.24 -9.37
C LYS A 161 17.00 20.07 -8.18
N VAL A 162 17.08 19.46 -7.00
CA VAL A 162 17.70 20.12 -5.86
C VAL A 162 19.14 20.47 -6.20
N GLN A 163 19.91 19.50 -6.71
CA GLN A 163 21.36 19.66 -6.94
C GLN A 163 21.69 20.63 -8.09
N GLN A 164 20.83 20.61 -9.10
CA GLN A 164 20.96 21.52 -10.22
C GLN A 164 20.02 22.67 -9.94
N GLY A 165 20.47 23.51 -9.01
CA GLY A 165 19.67 24.26 -8.02
C GLY A 165 18.28 24.81 -8.27
N ASN A 166 17.50 24.07 -9.03
CA ASN A 166 16.13 24.43 -9.34
C ASN A 166 15.13 24.38 -8.16
N LEU A 167 15.41 23.55 -7.15
CA LEU A 167 14.41 23.17 -6.14
C LEU A 167 14.82 23.35 -4.67
N GLN A 168 13.95 23.93 -3.86
CA GLN A 168 14.22 24.01 -2.42
C GLN A 168 13.67 22.79 -1.66
N PRO A 169 14.49 22.17 -0.79
CA PRO A 169 14.06 21.04 0.01
C PRO A 169 12.70 21.26 0.68
N ASP A 170 12.48 22.47 1.19
CA ASP A 170 11.27 22.76 1.92
C ASP A 170 10.12 23.05 0.97
N GLN A 171 10.37 23.09 -0.32
CA GLN A 171 9.24 23.17 -1.26
C GLN A 171 8.66 21.79 -1.58
N ILE A 172 9.38 20.71 -1.26
CA ILE A 172 8.91 19.33 -1.58
C ILE A 172 7.77 18.94 -0.67
N ASP A 173 6.62 18.70 -1.29
CA ASP A 173 5.42 18.27 -0.61
C ASP A 173 4.85 17.02 -1.34
N GLU A 174 3.65 16.62 -0.94
CA GLU A 174 3.07 15.40 -1.45
C GLU A 174 2.76 15.55 -2.89
N GLU A 175 2.22 16.72 -3.27
CA GLU A 175 1.75 16.94 -4.66
C GLU A 175 2.93 16.90 -5.53
N MET A 176 4.06 17.37 -5.03
CA MET A 176 5.24 17.36 -5.90
C MET A 176 5.78 15.97 -6.16
N LEU A 177 6.06 15.20 -5.11
CA LEU A 177 6.43 13.79 -5.26
C LEU A 177 5.40 13.03 -6.07
N ASN A 178 4.12 13.33 -5.88
CA ASN A 178 3.09 12.71 -6.65
C ASN A 178 3.24 12.88 -8.17
N GLN A 179 3.91 13.95 -8.60
CA GLN A 179 4.02 14.22 -10.05
C GLN A 179 5.24 13.52 -10.60
N HIS A 180 6.04 12.94 -9.74
CA HIS A 180 7.23 12.21 -10.18
C HIS A 180 7.10 10.66 -10.10
N VAL A 181 6.00 10.13 -9.54
CA VAL A 181 5.76 8.67 -9.53
C VAL A 181 5.06 8.20 -10.83
N CYS A 182 5.16 6.91 -11.14
CA CYS A 182 4.63 6.38 -12.37
C CYS A 182 3.15 6.66 -12.38
N MET A 183 2.67 7.04 -13.56
CA MET A 183 1.25 7.14 -13.93
C MET A 183 0.61 8.34 -13.32
N HIS A 184 1.42 9.33 -12.94
CA HIS A 184 0.87 10.54 -12.28
C HIS A 184 -0.14 11.27 -13.11
N GLU A 185 -0.03 11.13 -14.44
CA GLU A 185 -0.92 11.85 -15.36
C GLU A 185 -2.21 11.10 -15.65
N LEU A 186 -2.32 9.89 -15.09
CA LEU A 186 -3.57 9.12 -15.29
C LEU A 186 -4.49 9.36 -14.12
N ALA A 187 -5.76 9.03 -14.31
CA ALA A 187 -6.71 8.96 -13.23
C ALA A 187 -6.12 8.14 -12.05
N PRO A 188 -6.38 8.57 -10.81
CA PRO A 188 -5.83 7.82 -9.68
C PRO A 188 -6.42 6.38 -9.68
N VAL A 189 -5.69 5.45 -9.11
CA VAL A 189 -6.11 4.05 -9.00
C VAL A 189 -7.28 3.96 -8.05
N ASP A 190 -8.44 3.52 -8.54
CA ASP A 190 -9.68 3.42 -7.75
C ASP A 190 -9.81 2.06 -7.11
N LEU A 191 -9.26 1.07 -7.78
CA LEU A 191 -9.54 -0.30 -7.37
C LEU A 191 -8.33 -1.19 -7.65
N VAL A 192 -7.86 -1.92 -6.61
CA VAL A 192 -6.85 -2.98 -6.81
C VAL A 192 -7.51 -4.37 -6.62
N ILE A 193 -7.37 -5.21 -7.63
CA ILE A 193 -7.76 -6.61 -7.60
C ILE A 193 -6.56 -7.56 -7.47
N ARG A 194 -6.62 -8.45 -6.48
CA ARG A 194 -5.65 -9.53 -6.48
C ARG A 194 -6.40 -10.88 -6.55
N THR A 195 -6.09 -11.65 -7.55
CA THR A 195 -6.55 -13.05 -7.64
C THR A 195 -5.62 -14.02 -6.93
N GLY A 196 -6.08 -15.28 -6.73
CA GLY A 196 -5.18 -16.34 -6.31
C GLY A 196 -5.21 -16.56 -4.80
N GLY A 197 -6.01 -15.78 -4.07
CA GLY A 197 -6.17 -16.01 -2.62
C GLY A 197 -5.24 -15.34 -1.60
N GLU A 198 -4.09 -14.78 -1.98
CA GLU A 198 -3.22 -14.09 -0.98
C GLU A 198 -3.71 -12.64 -0.72
N HIS A 199 -3.43 -12.10 0.47
CA HIS A 199 -3.99 -10.83 0.90
C HIS A 199 -2.83 -9.88 1.18
N ARG A 200 -2.13 -9.48 0.14
CA ARG A 200 -0.93 -8.61 0.29
C ARG A 200 -0.67 -7.88 -0.99
N ILE A 201 0.10 -6.78 -0.91
CA ILE A 201 0.28 -5.97 -2.11
C ILE A 201 1.49 -6.50 -2.87
N SER A 202 2.38 -7.16 -2.16
CA SER A 202 3.67 -7.67 -2.69
C SER A 202 4.50 -6.65 -3.47
N ASN A 203 4.58 -5.41 -2.98
CA ASN A 203 5.45 -4.39 -3.60
C ASN A 203 5.00 -4.03 -4.99
N PHE A 204 3.69 -4.08 -5.24
CA PHE A 204 3.10 -3.56 -6.46
C PHE A 204 3.01 -2.09 -6.07
N LEU A 205 2.04 -1.36 -6.62
CA LEU A 205 1.84 0.07 -6.32
C LEU A 205 1.71 0.33 -4.83
N LEU A 206 2.34 1.41 -4.33
CA LEU A 206 2.27 1.74 -2.93
C LEU A 206 1.76 3.17 -2.75
N TRP A 207 2.56 4.15 -3.17
CA TRP A 207 2.16 5.54 -3.21
C TRP A 207 0.80 5.70 -3.79
N GLN A 208 0.57 5.06 -4.95
CA GLN A 208 -0.66 5.26 -5.74
C GLN A 208 -1.90 4.60 -5.14
N ILE A 209 -1.75 3.70 -4.19
CA ILE A 209 -2.97 3.04 -3.68
C ILE A 209 -3.44 3.48 -2.29
N ALA A 210 -2.89 4.60 -1.79
CA ALA A 210 -3.27 5.21 -0.53
C ALA A 210 -4.75 5.22 -0.31
N TYR A 211 -5.55 5.46 -1.36
CA TYR A 211 -6.98 5.64 -1.18
C TYR A 211 -7.79 4.66 -1.99
N ALA A 212 -7.14 3.65 -2.62
CA ALA A 212 -7.81 2.67 -3.50
C ALA A 212 -8.59 1.64 -2.70
N GLU A 213 -9.69 1.19 -3.28
CA GLU A 213 -10.41 0.04 -2.79
C GLU A 213 -9.54 -1.20 -3.05
N LEU A 214 -9.45 -2.12 -2.07
CA LEU A 214 -8.73 -3.36 -2.29
C LEU A 214 -9.74 -4.55 -2.37
N TYR A 215 -9.62 -5.37 -3.39
CA TYR A 215 -10.57 -6.46 -3.58
C TYR A 215 -9.75 -7.74 -3.78
N PHE A 216 -9.91 -8.68 -2.84
CA PHE A 216 -9.23 -9.96 -2.92
C PHE A 216 -10.22 -11.05 -3.26
N THR A 217 -9.85 -11.85 -4.25
CA THR A 217 -10.60 -13.05 -4.55
C THR A 217 -9.70 -14.33 -4.61
N ASP A 218 -10.26 -15.47 -4.21
CA ASP A 218 -9.60 -16.80 -4.29
C ASP A 218 -9.59 -17.36 -5.73
N VAL A 219 -10.44 -16.81 -6.59
CA VAL A 219 -10.41 -17.18 -7.99
C VAL A 219 -8.94 -17.07 -8.49
N LEU A 220 -8.44 -18.13 -9.08
CA LEU A 220 -7.10 -18.16 -9.70
C LEU A 220 -7.11 -17.35 -11.02
N TRP A 221 -6.02 -16.67 -11.38
CA TRP A 221 -6.02 -15.77 -12.56
C TRP A 221 -6.53 -16.36 -13.91
N PRO A 222 -6.05 -17.57 -14.34
CA PRO A 222 -6.65 -18.15 -15.56
C PRO A 222 -8.22 -18.30 -15.52
N ASP A 223 -8.83 -18.43 -14.35
CA ASP A 223 -10.32 -18.60 -14.25
C ASP A 223 -11.08 -17.28 -14.13
N PHE A 224 -10.37 -16.17 -13.96
CA PHE A 224 -11.01 -14.88 -13.66
C PHE A 224 -11.58 -14.33 -14.96
N ASP A 225 -12.92 -14.26 -15.06
CA ASP A 225 -13.54 -13.89 -16.34
C ASP A 225 -14.31 -12.57 -16.23
N GLU A 226 -15.10 -12.25 -17.25
CA GLU A 226 -15.87 -11.01 -17.29
C GLU A 226 -16.80 -10.90 -16.12
N GLN A 227 -17.42 -12.00 -15.75
CA GLN A 227 -18.37 -11.94 -14.66
C GLN A 227 -17.64 -11.64 -13.35
N ASP A 228 -16.45 -12.21 -13.17
CA ASP A 228 -15.67 -11.90 -11.95
C ASP A 228 -15.26 -10.42 -11.91
N PHE A 229 -14.80 -9.89 -13.03
CA PHE A 229 -14.42 -8.51 -13.20
C PHE A 229 -15.65 -7.57 -12.94
N GLU A 230 -16.77 -7.88 -13.60
CA GLU A 230 -18.06 -7.24 -13.35
C GLU A 230 -18.39 -7.29 -11.86
N GLY A 231 -18.21 -8.48 -11.28
CA GLY A 231 -18.26 -8.66 -9.84
C GLY A 231 -17.44 -7.65 -9.03
N ALA A 232 -16.16 -7.48 -9.38
CA ALA A 232 -15.32 -6.51 -8.68
C ALA A 232 -15.75 -5.03 -8.88
N LEU A 233 -16.05 -4.62 -10.11
CA LEU A 233 -16.63 -3.31 -10.42
C LEU A 233 -17.94 -2.95 -9.66
N ASN A 234 -18.78 -3.93 -9.40
CA ASN A 234 -20.05 -3.65 -8.79
C ASN A 234 -19.85 -3.48 -7.30
N ALA A 235 -18.92 -4.25 -6.74
CA ALA A 235 -18.63 -4.14 -5.32
C ALA A 235 -17.93 -2.82 -5.02
N PHE A 236 -17.03 -2.42 -5.93
CA PHE A 236 -16.49 -1.10 -5.86
C PHE A 236 -17.61 -0.01 -5.90
N ALA A 237 -18.58 -0.13 -6.84
CA ALA A 237 -19.65 0.89 -6.92
C ALA A 237 -20.52 0.88 -5.68
N ASN A 238 -20.80 -0.30 -5.15
CA ASN A 238 -21.54 -0.44 -3.90
C ASN A 238 -20.81 -0.04 -2.61
N ARG A 239 -19.49 0.10 -2.67
CA ARG A 239 -18.73 0.45 -1.47
C ARG A 239 -18.20 1.87 -1.40
N GLY B 17 6.20 -16.49 12.96
CA GLY B 17 5.40 -15.78 14.02
C GLY B 17 5.22 -14.31 13.68
N CYS B 18 4.17 -13.71 14.18
CA CYS B 18 3.89 -12.33 13.92
C CYS B 18 4.69 -11.40 14.83
N ARG B 19 5.51 -10.52 14.25
CA ARG B 19 6.31 -9.60 15.15
C ARG B 19 5.69 -8.20 15.30
N HIS B 20 5.08 -7.71 14.24
CA HIS B 20 4.67 -6.29 14.24
C HIS B 20 3.31 -6.16 13.55
N VAL B 21 2.30 -5.86 14.34
CA VAL B 21 0.93 -5.64 13.86
C VAL B 21 0.53 -4.15 13.85
N ALA B 22 -0.12 -3.73 12.79
CA ALA B 22 -0.63 -2.37 12.69
C ALA B 22 -2.15 -2.48 12.57
N ILE B 23 -2.88 -1.59 13.23
CA ILE B 23 -4.30 -1.68 13.25
C ILE B 23 -4.87 -0.34 12.94
N ILE B 24 -5.78 -0.33 11.95
CA ILE B 24 -6.61 0.81 11.67
C ILE B 24 -7.92 0.62 12.47
N MET B 25 -8.11 1.46 13.44
CA MET B 25 -9.18 1.27 14.39
C MET B 25 -10.52 1.91 13.99
N ASP B 26 -11.17 1.45 12.95
CA ASP B 26 -12.33 2.17 12.47
C ASP B 26 -13.60 1.58 13.08
N GLY B 27 -14.66 2.38 13.20
CA GLY B 27 -15.96 1.86 13.59
C GLY B 27 -16.57 2.39 14.87
N ASN B 28 -15.90 3.32 15.52
CA ASN B 28 -16.34 3.84 16.82
C ASN B 28 -17.64 4.64 16.64
N GLY B 29 -17.64 5.49 15.61
CA GLY B 29 -18.79 6.28 15.26
C GLY B 29 -20.01 5.46 14.88
N ARG B 30 -19.82 4.44 14.05
CA ARG B 30 -20.94 3.56 13.65
C ARG B 30 -21.51 2.82 14.87
N TRP B 31 -20.61 2.28 15.67
CA TRP B 31 -20.93 1.62 16.93
C TRP B 31 -21.83 2.50 17.82
N ALA B 32 -21.41 3.74 18.07
CA ALA B 32 -22.15 4.65 18.93
C ALA B 32 -23.57 4.83 18.39
N LYS B 33 -23.68 5.09 17.06
CA LYS B 33 -24.93 5.27 16.35
C LYS B 33 -25.82 4.02 16.48
N LYS B 34 -25.27 2.83 16.25
CA LYS B 34 -26.00 1.58 16.51
C LYS B 34 -26.63 1.52 17.91
N GLN B 35 -25.88 1.92 18.95
CA GLN B 35 -26.37 1.90 20.34
C GLN B 35 -27.28 3.11 20.71
N GLY B 36 -27.67 3.89 19.71
CA GLY B 36 -28.43 5.15 19.88
C GLY B 36 -27.80 6.12 20.87
N LYS B 37 -26.50 6.34 20.70
CA LYS B 37 -25.70 7.12 21.63
C LYS B 37 -24.84 8.03 20.77
N ILE B 38 -24.28 9.06 21.39
CA ILE B 38 -23.46 10.00 20.67
C ILE B 38 -21.99 9.52 20.57
N ARG B 39 -21.30 10.05 19.56
CA ARG B 39 -19.84 9.89 19.33
C ARG B 39 -19.02 9.71 20.61
N ALA B 40 -19.11 10.68 21.52
CA ALA B 40 -18.47 10.58 22.85
C ALA B 40 -18.48 9.18 23.47
N PHE B 41 -19.62 8.50 23.39
CA PHE B 41 -19.78 7.16 23.96
C PHE B 41 -18.94 6.09 23.21
N GLY B 42 -18.83 6.22 21.90
CA GLY B 42 -18.02 5.32 21.09
C GLY B 42 -16.53 5.48 21.33
N HIS B 43 -16.07 6.74 21.37
CA HIS B 43 -14.65 7.00 21.72
C HIS B 43 -14.28 6.31 23.01
N LYS B 44 -15.15 6.43 24.02
CA LYS B 44 -14.82 5.84 25.32
C LYS B 44 -14.80 4.28 25.37
N ALA B 45 -15.66 3.60 24.61
CA ALA B 45 -15.54 2.13 24.57
C ALA B 45 -14.37 1.72 23.63
N GLY B 46 -14.05 2.60 22.67
CA GLY B 46 -12.89 2.50 21.79
C GLY B 46 -11.61 2.47 22.57
N ALA B 47 -11.49 3.38 23.55
CA ALA B 47 -10.34 3.45 24.43
C ALA B 47 -10.27 2.17 25.24
N LYS B 48 -11.40 1.65 25.64
CA LYS B 48 -11.37 0.32 26.27
C LYS B 48 -10.85 -0.80 25.35
N SER B 49 -11.14 -0.68 24.08
CA SER B 49 -10.70 -1.72 23.14
C SER B 49 -9.18 -1.53 22.87
N VAL B 50 -8.72 -0.29 22.91
CA VAL B 50 -7.28 -0.06 22.83
C VAL B 50 -6.50 -0.81 23.91
N ARG B 51 -6.95 -0.67 25.17
CA ARG B 51 -6.24 -1.32 26.33
C ARG B 51 -6.20 -2.84 26.23
N ARG B 52 -7.34 -3.44 25.95
CA ARG B 52 -7.40 -4.89 25.70
C ARG B 52 -6.51 -5.34 24.54
N ALA B 53 -6.43 -4.58 23.44
CA ALA B 53 -5.60 -5.03 22.32
C ALA B 53 -4.09 -4.88 22.64
N VAL B 54 -3.73 -3.78 23.30
CA VAL B 54 -2.41 -3.58 23.87
C VAL B 54 -2.05 -4.72 24.81
N SER B 55 -2.94 -5.01 25.77
CA SER B 55 -2.66 -6.11 26.71
C SER B 55 -2.51 -7.46 25.98
N PHE B 56 -3.34 -7.69 24.98
CA PHE B 56 -3.26 -8.95 24.26
C PHE B 56 -1.93 -9.04 23.48
N ALA B 57 -1.51 -7.95 22.85
CA ALA B 57 -0.25 -7.98 22.18
C ALA B 57 0.91 -8.22 23.15
N ALA B 58 0.90 -7.57 24.31
CA ALA B 58 2.05 -7.71 25.25
C ALA B 58 2.10 -9.14 25.77
N ASN B 59 0.95 -9.69 26.13
CA ASN B 59 0.90 -11.06 26.67
C ASN B 59 1.21 -12.12 25.62
N ASN B 60 1.14 -11.78 24.34
CA ASN B 60 1.40 -12.82 23.38
C ASN B 60 2.73 -12.67 22.67
N GLY B 61 3.66 -11.90 23.24
CA GLY B 61 5.00 -11.75 22.64
C GLY B 61 5.11 -11.05 21.27
N ILE B 62 4.12 -10.23 20.93
CA ILE B 62 4.25 -9.35 19.75
C ILE B 62 5.27 -8.26 20.11
N GLU B 63 6.18 -7.91 19.19
CA GLU B 63 7.21 -6.90 19.48
C GLU B 63 6.72 -5.48 19.35
N ALA B 64 5.95 -5.24 18.29
CA ALA B 64 5.51 -3.91 18.05
C ALA B 64 4.02 -3.92 17.68
N LEU B 65 3.29 -2.90 18.12
CA LEU B 65 1.92 -2.71 17.82
C LEU B 65 1.82 -1.25 17.40
N THR B 66 1.27 -1.00 16.20
CA THR B 66 1.10 0.35 15.70
C THR B 66 -0.40 0.65 15.44
N LEU B 67 -0.94 1.68 16.09
CA LEU B 67 -2.38 2.00 16.10
C LEU B 67 -2.67 3.32 15.42
N TYR B 68 -3.57 3.28 14.45
CA TYR B 68 -4.05 4.44 13.72
C TYR B 68 -5.52 4.78 14.03
N ALA B 69 -5.79 5.91 14.64
CA ALA B 69 -7.23 6.29 14.88
C ALA B 69 -7.83 6.79 13.58
N PHE B 70 -8.81 6.08 13.01
CA PHE B 70 -9.44 6.54 11.73
C PHE B 70 -10.86 7.17 11.84
N SER B 71 -11.82 6.43 12.41
CA SER B 71 -13.04 7.00 12.99
C SER B 71 -12.69 7.69 14.33
N VAL B 90 -5.28 12.69 21.95
CA VAL B 90 -3.96 12.49 22.58
C VAL B 90 -3.92 12.94 24.06
N TRP B 91 -4.56 14.06 24.37
CA TRP B 91 -4.67 14.59 25.75
C TRP B 91 -5.12 13.51 26.77
N ALA B 92 -5.66 12.41 26.26
CA ALA B 92 -6.06 11.27 27.09
C ALA B 92 -4.97 10.21 27.24
N LEU B 93 -3.74 10.52 26.80
CA LEU B 93 -2.64 9.59 27.01
C LEU B 93 -1.79 9.93 28.22
N ASP B 94 -1.91 11.15 28.73
CA ASP B 94 -1.32 11.51 30.03
C ASP B 94 -1.60 10.49 31.13
N SER B 95 -2.85 10.03 31.20
CA SER B 95 -3.31 9.19 32.29
C SER B 95 -2.90 7.73 32.19
N GLU B 96 -2.59 7.29 30.98
CA GLU B 96 -2.26 5.88 30.74
C GLU B 96 -0.76 5.60 30.77
N VAL B 97 0.07 6.63 30.81
CA VAL B 97 1.54 6.42 30.63
C VAL B 97 2.27 5.72 31.78
N LYS B 98 1.87 6.01 33.00
CA LYS B 98 2.58 5.49 34.15
C LYS B 98 2.37 3.98 34.14
N SER B 99 1.13 3.62 33.85
CA SER B 99 0.71 2.28 33.63
C SER B 99 1.46 1.51 32.54
N LEU B 100 1.64 2.10 31.34
CA LEU B 100 2.44 1.46 30.26
C LEU B 100 3.89 1.21 30.64
N HIS B 101 4.46 2.19 31.38
CA HIS B 101 5.84 2.12 31.82
C HIS B 101 6.13 0.92 32.71
N ARG B 102 5.22 0.65 33.64
CA ARG B 102 5.37 -0.47 34.54
C ARG B 102 5.23 -1.78 33.82
N HIS B 103 4.47 -1.78 32.71
CA HIS B 103 4.34 -2.98 31.94
C HIS B 103 5.51 -3.16 30.99
N ASN B 104 6.56 -2.36 31.17
CA ASN B 104 7.73 -2.45 30.31
C ASN B 104 7.47 -2.05 28.81
N VAL B 105 6.48 -1.22 28.58
CA VAL B 105 6.09 -0.83 27.22
C VAL B 105 6.83 0.46 26.78
N ARG B 106 7.43 0.44 25.60
CA ARG B 106 8.10 1.66 25.03
C ARG B 106 7.07 2.38 24.15
N LEU B 107 6.72 3.61 24.55
CA LEU B 107 5.72 4.40 23.84
C LEU B 107 6.35 5.36 22.81
N ARG B 108 5.86 5.34 21.59
CA ARG B 108 6.23 6.33 20.58
C ARG B 108 5.04 6.85 19.82
N ILE B 109 5.15 8.12 19.45
CA ILE B 109 4.14 8.78 18.67
C ILE B 109 4.75 8.96 17.29
N ILE B 110 4.09 8.46 16.25
CA ILE B 110 4.59 8.79 14.92
C ILE B 110 3.59 9.73 14.25
N GLY B 111 4.08 10.56 13.34
CA GLY B 111 3.19 11.56 12.73
C GLY B 111 3.70 12.98 12.96
N ASP B 112 2.98 13.97 12.45
CA ASP B 112 3.51 15.36 12.47
C ASP B 112 3.04 16.12 13.70
N THR B 113 3.89 16.19 14.70
CA THR B 113 3.46 16.77 15.96
C THR B 113 3.91 18.24 16.09
N SER B 114 4.42 18.80 14.98
CA SER B 114 5.03 20.15 14.97
C SER B 114 4.06 21.32 15.08
N ARG B 115 2.79 21.10 14.80
CA ARG B 115 1.80 22.15 14.89
C ARG B 115 1.21 22.22 16.30
N PHE B 116 0.89 21.04 16.85
CA PHE B 116 0.62 20.82 18.28
C PHE B 116 1.21 21.87 19.20
N ASN B 117 0.43 22.31 20.18
CA ASN B 117 0.94 23.34 21.05
C ASN B 117 2.09 22.81 21.89
N SER B 118 2.93 23.68 22.41
CA SER B 118 4.25 23.26 22.84
C SER B 118 4.20 22.60 24.19
N ARG B 119 3.14 22.83 24.95
CA ARG B 119 2.97 22.10 26.19
C ARG B 119 2.68 20.60 25.95
N LEU B 120 1.81 20.30 24.98
CA LEU B 120 1.54 18.93 24.52
C LEU B 120 2.78 18.29 23.84
N GLN B 121 3.57 19.07 23.09
CA GLN B 121 4.75 18.55 22.45
C GLN B 121 5.67 18.06 23.53
N GLU B 122 5.90 18.89 24.56
CA GLU B 122 6.75 18.50 25.69
C GLU B 122 6.13 17.37 26.55
N ARG B 123 4.81 17.26 26.69
CA ARG B 123 4.26 16.06 27.33
C ARG B 123 4.57 14.75 26.57
N ILE B 124 4.44 14.82 25.25
CA ILE B 124 4.69 13.69 24.37
C ILE B 124 6.16 13.36 24.53
N ARG B 125 7.01 14.39 24.47
CA ARG B 125 8.45 14.18 24.64
C ARG B 125 8.77 13.50 25.96
N LYS B 126 8.24 13.99 27.09
CA LYS B 126 8.47 13.35 28.39
C LYS B 126 7.96 11.92 28.45
N SER B 127 6.80 11.65 27.84
CA SER B 127 6.25 10.28 27.81
C SER B 127 7.15 9.34 27.03
N GLU B 128 7.57 9.74 25.85
CA GLU B 128 8.52 8.99 25.10
C GLU B 128 9.78 8.71 25.92
N ALA B 129 10.31 9.78 26.55
CA ALA B 129 11.61 9.70 27.28
C ALA B 129 11.52 8.76 28.44
N LEU B 130 10.45 8.90 29.21
CA LEU B 130 10.14 8.05 30.33
C LEU B 130 10.14 6.56 29.95
N THR B 131 9.62 6.20 28.74
CA THR B 131 9.50 4.76 28.46
C THR B 131 10.58 4.28 27.48
N ALA B 132 11.51 5.15 27.06
CA ALA B 132 12.40 4.78 25.92
C ALA B 132 13.38 3.63 26.16
N GLY B 133 13.77 3.38 27.41
CA GLY B 133 14.71 2.29 27.73
C GLY B 133 13.96 0.98 28.02
N ASN B 134 12.64 0.98 27.79
CA ASN B 134 11.82 -0.21 28.10
C ASN B 134 11.97 -1.29 27.02
N THR B 135 11.84 -2.57 27.40
CA THR B 135 12.29 -3.63 26.48
C THR B 135 11.19 -4.57 26.02
N GLY B 136 9.97 -4.29 26.45
CA GLY B 136 8.81 -5.10 26.14
C GLY B 136 8.22 -4.66 24.81
N LEU B 137 6.91 -4.46 24.77
CA LEU B 137 6.19 -4.10 23.54
C LEU B 137 6.55 -2.67 23.16
N THR B 138 6.96 -2.42 21.94
CA THR B 138 6.94 -1.03 21.44
C THR B 138 5.53 -0.71 20.91
N LEU B 139 4.91 0.32 21.48
CA LEU B 139 3.58 0.75 21.07
C LEU B 139 3.69 2.09 20.29
N ASN B 140 3.37 2.06 18.99
CA ASN B 140 3.43 3.28 18.19
C ASN B 140 2.02 3.78 18.01
N ILE B 141 1.80 5.05 18.34
CA ILE B 141 0.55 5.75 18.17
C ILE B 141 0.70 6.80 17.05
N ALA B 142 -0.08 6.65 15.98
CA ALA B 142 0.04 7.55 14.83
C ALA B 142 -0.85 8.74 15.11
N ALA B 143 -0.30 9.95 15.14
CA ALA B 143 -1.14 11.06 15.54
C ALA B 143 -0.90 12.12 14.50
N ASN B 144 -1.95 12.53 13.80
CA ASN B 144 -1.73 13.40 12.63
C ASN B 144 -0.72 12.73 11.69
N TYR B 145 -0.94 11.46 11.39
CA TYR B 145 -0.04 10.70 10.58
C TYR B 145 -0.66 10.53 9.17
N GLY B 146 0.15 10.50 8.12
CA GLY B 146 -0.31 10.04 6.77
C GLY B 146 0.89 9.29 6.21
N GLY B 147 0.64 8.16 5.53
CA GLY B 147 1.76 7.46 4.92
C GLY B 147 2.52 8.24 3.86
N ARG B 148 1.80 9.04 3.07
CA ARG B 148 2.49 9.91 2.08
C ARG B 148 3.38 10.96 2.76
N TRP B 149 2.81 11.67 3.71
CA TRP B 149 3.56 12.59 4.61
C TRP B 149 4.84 11.96 5.17
N ASP B 150 4.75 10.70 5.63
CA ASP B 150 5.86 9.94 6.21
C ASP B 150 7.01 9.82 5.19
N ILE B 151 6.65 9.38 4.01
CA ILE B 151 7.62 9.28 2.92
C ILE B 151 8.22 10.68 2.59
N VAL B 152 7.39 11.69 2.42
CA VAL B 152 7.86 12.99 2.03
C VAL B 152 8.83 13.54 3.05
N GLN B 153 8.53 13.37 4.35
CA GLN B 153 9.41 13.93 5.34
C GLN B 153 10.78 13.30 5.23
N GLY B 154 10.82 12.04 4.78
CA GLY B 154 12.10 11.33 4.59
C GLY B 154 12.84 11.83 3.34
N VAL B 155 12.06 12.14 2.31
CA VAL B 155 12.56 12.75 1.09
C VAL B 155 13.18 14.11 1.39
N ARG B 156 12.48 14.94 2.17
CA ARG B 156 12.98 16.27 2.60
C ARG B 156 14.33 16.19 3.23
N GLN B 157 14.56 15.13 3.99
CA GLN B 157 15.79 15.00 4.74
C GLN B 157 16.94 14.67 3.80
N LEU B 158 16.73 13.77 2.85
CA LEU B 158 17.74 13.51 1.83
C LEU B 158 17.99 14.71 0.93
N ALA B 159 16.97 15.50 0.65
CA ALA B 159 17.11 16.73 -0.14
C ALA B 159 18.03 17.78 0.55
N GLU B 160 17.86 17.95 1.87
CA GLU B 160 18.76 18.76 2.68
C GLU B 160 20.18 18.28 2.55
N LYS B 161 20.38 16.96 2.63
CA LYS B 161 21.71 16.37 2.46
C LYS B 161 22.33 16.62 1.07
N VAL B 162 21.50 16.48 0.03
CA VAL B 162 21.93 16.74 -1.32
C VAL B 162 22.35 18.21 -1.46
N GLN B 163 21.56 19.13 -0.92
CA GLN B 163 21.86 20.56 -1.04
C GLN B 163 23.24 20.88 -0.42
N GLN B 164 23.38 20.49 0.84
CA GLN B 164 24.62 20.53 1.62
C GLN B 164 25.88 19.96 0.95
N GLY B 165 25.71 19.17 -0.10
CA GLY B 165 26.82 18.46 -0.79
C GLY B 165 27.14 17.08 -0.24
N ASN B 166 26.31 16.63 0.70
CA ASN B 166 26.58 15.35 1.39
C ASN B 166 26.12 14.06 0.70
N LEU B 167 25.62 14.15 -0.52
CA LEU B 167 24.92 13.02 -1.14
C LEU B 167 24.62 13.28 -2.61
N GLN B 168 24.96 12.31 -3.43
CA GLN B 168 24.70 12.40 -4.86
C GLN B 168 23.34 11.77 -5.11
N PRO B 169 22.56 12.33 -6.05
CA PRO B 169 21.33 11.70 -6.52
C PRO B 169 21.40 10.19 -6.77
N ASP B 170 22.35 9.71 -7.57
CA ASP B 170 22.39 8.27 -7.91
C ASP B 170 22.78 7.33 -6.77
N GLN B 171 23.27 7.89 -5.67
CA GLN B 171 23.50 7.11 -4.45
C GLN B 171 22.20 6.76 -3.68
N ILE B 172 21.10 7.42 -3.99
CA ILE B 172 19.83 7.20 -3.23
C ILE B 172 19.15 5.91 -3.69
N ASP B 173 18.92 4.99 -2.73
CA ASP B 173 18.36 3.67 -3.03
C ASP B 173 17.27 3.38 -2.01
N GLU B 174 16.65 2.18 -2.05
CA GLU B 174 15.57 1.81 -1.11
C GLU B 174 16.02 1.84 0.33
N GLU B 175 17.18 1.28 0.60
CA GLU B 175 17.65 1.19 1.98
C GLU B 175 17.88 2.55 2.62
N MET B 176 18.38 3.49 1.85
CA MET B 176 18.64 4.78 2.43
C MET B 176 17.31 5.48 2.69
N LEU B 177 16.35 5.36 1.79
CA LEU B 177 15.05 5.97 2.07
C LEU B 177 14.40 5.27 3.25
N ASN B 178 14.49 3.96 3.30
CA ASN B 178 14.03 3.26 4.50
C ASN B 178 14.54 3.84 5.81
N GLN B 179 15.80 4.27 5.86
CA GLN B 179 16.44 4.83 7.11
C GLN B 179 15.86 6.15 7.54
N HIS B 180 15.07 6.75 6.68
CA HIS B 180 14.51 8.04 6.96
C HIS B 180 12.97 8.06 7.07
N VAL B 181 12.31 6.89 6.96
CA VAL B 181 10.86 6.77 7.21
C VAL B 181 10.58 6.20 8.62
N CYS B 182 9.40 6.50 9.16
CA CYS B 182 9.05 6.05 10.51
C CYS B 182 9.19 4.55 10.70
N MET B 183 9.68 4.18 11.89
CA MET B 183 9.82 2.83 12.41
C MET B 183 10.94 2.00 11.77
N HIS B 184 11.92 2.62 11.11
CA HIS B 184 13.01 1.83 10.51
C HIS B 184 13.79 0.98 11.53
N GLU B 185 13.77 1.35 12.80
CA GLU B 185 14.48 0.50 13.80
C GLU B 185 13.64 -0.66 14.31
N LEU B 186 12.37 -0.77 13.93
CA LEU B 186 11.55 -1.92 14.36
C LEU B 186 11.47 -3.05 13.35
N ALA B 187 11.02 -4.22 13.82
CA ALA B 187 10.65 -5.32 12.93
C ALA B 187 9.71 -4.86 11.83
N PRO B 188 9.89 -5.33 10.59
CA PRO B 188 8.97 -4.86 9.59
C PRO B 188 7.51 -5.25 9.89
N VAL B 189 6.57 -4.46 9.38
CA VAL B 189 5.11 -4.71 9.64
C VAL B 189 4.75 -6.02 8.96
N ASP B 190 4.25 -6.95 9.73
CA ASP B 190 3.87 -8.31 9.27
C ASP B 190 2.40 -8.36 8.85
N LEU B 191 1.57 -7.53 9.51
CA LEU B 191 0.10 -7.72 9.45
C LEU B 191 -0.55 -6.37 9.75
N VAL B 192 -1.49 -5.99 8.89
CA VAL B 192 -2.30 -4.83 9.05
C VAL B 192 -3.74 -5.29 9.22
N ILE B 193 -4.35 -4.80 10.29
CA ILE B 193 -5.72 -5.15 10.57
C ILE B 193 -6.54 -3.91 10.41
N ARG B 194 -7.61 -4.00 9.62
CA ARG B 194 -8.61 -2.91 9.61
C ARG B 194 -10.04 -3.35 10.03
N THR B 195 -10.56 -2.67 11.03
CA THR B 195 -11.85 -3.01 11.53
C THR B 195 -12.83 -2.12 10.89
N GLY B 196 -14.10 -2.48 10.97
CA GLY B 196 -15.10 -1.44 10.69
C GLY B 196 -15.62 -1.58 9.28
N GLY B 197 -15.11 -2.54 8.54
CA GLY B 197 -15.75 -2.89 7.29
C GLY B 197 -15.21 -2.33 6.01
N GLU B 198 -14.44 -1.23 6.01
CA GLU B 198 -13.88 -0.70 4.76
C GLU B 198 -12.67 -1.45 4.30
N HIS B 199 -12.46 -1.48 3.00
CA HIS B 199 -11.36 -2.25 2.46
C HIS B 199 -10.32 -1.34 1.79
N ARG B 200 -9.61 -0.54 2.58
CA ARG B 200 -8.70 0.47 2.10
C ARG B 200 -7.67 0.70 3.16
N ILE B 201 -6.50 1.17 2.72
CA ILE B 201 -5.39 1.56 3.63
C ILE B 201 -5.57 3.00 4.12
N SER B 202 -6.26 3.81 3.34
CA SER B 202 -6.60 5.20 3.68
C SER B 202 -5.35 5.98 4.09
N ASN B 203 -4.22 5.79 3.41
CA ASN B 203 -3.02 6.57 3.68
C ASN B 203 -2.51 6.43 5.10
N PHE B 204 -2.74 5.25 5.72
CA PHE B 204 -1.94 4.78 6.83
C PHE B 204 -0.55 4.45 6.22
N LEU B 205 0.19 3.52 6.77
CA LEU B 205 1.51 3.12 6.34
C LEU B 205 1.43 2.71 4.88
N LEU B 206 2.47 3.06 4.10
CA LEU B 206 2.45 2.78 2.68
C LEU B 206 3.75 2.07 2.32
N TRP B 207 4.85 2.82 2.44
CA TRP B 207 6.17 2.27 2.34
C TRP B 207 6.35 0.97 3.15
N GLN B 208 5.94 1.01 4.39
CA GLN B 208 6.13 -0.09 5.33
C GLN B 208 5.31 -1.37 5.09
N ILE B 209 4.27 -1.30 4.32
CA ILE B 209 3.40 -2.45 4.18
C ILE B 209 3.55 -3.18 2.88
N ALA B 210 4.67 -2.95 2.15
CA ALA B 210 4.90 -3.65 0.86
C ALA B 210 4.66 -5.16 0.90
N TYR B 211 4.95 -5.79 2.03
CA TYR B 211 4.84 -7.23 2.15
C TYR B 211 3.98 -7.70 3.29
N ALA B 212 3.21 -6.81 3.89
CA ALA B 212 2.31 -7.22 4.97
C ALA B 212 1.03 -7.96 4.51
N GLU B 213 0.61 -8.91 5.31
CA GLU B 213 -0.73 -9.48 5.18
C GLU B 213 -1.74 -8.42 5.54
N LEU B 214 -2.82 -8.30 4.74
CA LEU B 214 -3.91 -7.40 5.03
C LEU B 214 -5.16 -8.15 5.54
N TYR B 215 -5.75 -7.67 6.60
CA TYR B 215 -6.84 -8.38 7.20
C TYR B 215 -7.96 -7.42 7.50
N PHE B 216 -9.10 -7.62 6.80
CA PHE B 216 -10.22 -6.73 6.94
C PHE B 216 -11.35 -7.44 7.63
N THR B 217 -11.92 -6.80 8.64
CA THR B 217 -13.04 -7.36 9.35
C THR B 217 -14.14 -6.30 9.43
N ASP B 218 -15.39 -6.74 9.28
CA ASP B 218 -16.63 -6.00 9.57
C ASP B 218 -16.83 -5.63 11.03
N VAL B 219 -16.16 -6.32 11.94
CA VAL B 219 -16.27 -6.03 13.37
C VAL B 219 -15.84 -4.58 13.64
N LEU B 220 -16.64 -3.87 14.41
CA LEU B 220 -16.41 -2.47 14.70
C LEU B 220 -15.40 -2.37 15.80
N TRP B 221 -14.53 -1.36 15.78
CA TRP B 221 -13.42 -1.31 16.79
C TRP B 221 -13.78 -1.59 18.30
N PRO B 222 -14.84 -0.97 18.86
CA PRO B 222 -15.16 -1.21 20.29
C PRO B 222 -15.44 -2.70 20.65
N ASP B 223 -15.85 -3.49 19.65
CA ASP B 223 -16.19 -4.90 19.83
C ASP B 223 -15.03 -5.87 19.52
N PHE B 224 -13.96 -5.37 18.89
CA PHE B 224 -12.81 -6.21 18.48
C PHE B 224 -12.13 -6.66 19.77
N ASP B 225 -12.12 -7.96 19.97
CA ASP B 225 -11.62 -8.53 21.22
C ASP B 225 -10.53 -9.57 20.89
N GLU B 226 -10.18 -10.40 21.88
CA GLU B 226 -9.06 -11.30 21.76
C GLU B 226 -9.22 -12.38 20.74
N GLN B 227 -10.46 -12.82 20.52
CA GLN B 227 -10.76 -13.83 19.50
C GLN B 227 -10.66 -13.26 18.07
N ASP B 228 -11.12 -12.02 17.88
CA ASP B 228 -10.88 -11.31 16.60
C ASP B 228 -9.40 -11.10 16.30
N PHE B 229 -8.64 -10.73 17.34
CA PHE B 229 -7.19 -10.53 17.20
C PHE B 229 -6.48 -11.80 16.81
N GLU B 230 -6.76 -12.87 17.54
CA GLU B 230 -6.24 -14.20 17.15
C GLU B 230 -6.74 -14.66 15.80
N GLY B 231 -8.01 -14.44 15.51
CA GLY B 231 -8.48 -14.70 14.13
C GLY B 231 -7.55 -14.09 13.08
N ALA B 232 -7.06 -12.87 13.33
CA ALA B 232 -6.18 -12.19 12.39
C ALA B 232 -4.74 -12.76 12.38
N LEU B 233 -4.15 -13.07 13.54
CA LEU B 233 -2.84 -13.77 13.60
C LEU B 233 -2.92 -15.09 12.84
N ASN B 234 -4.06 -15.79 12.94
CA ASN B 234 -4.31 -16.99 12.11
C ASN B 234 -4.16 -16.74 10.62
N ALA B 235 -4.92 -15.79 10.09
CA ALA B 235 -4.74 -15.38 8.71
C ALA B 235 -3.26 -15.26 8.35
N PHE B 236 -2.43 -14.69 9.23
CA PHE B 236 -1.02 -14.41 8.86
C PHE B 236 -0.19 -15.70 8.79
N ALA B 237 -0.57 -16.66 9.63
CA ALA B 237 0.14 -17.93 9.80
C ALA B 237 -0.16 -18.84 8.60
N ASN B 238 -1.40 -18.72 8.09
CA ASN B 238 -1.85 -19.43 6.91
C ASN B 238 -1.34 -18.88 5.57
N ARG B 239 -0.51 -17.85 5.58
CA ARG B 239 0.00 -17.41 4.28
C ARG B 239 1.44 -17.75 4.00
#